data_7S99
#
_entry.id   7S99
#
_cell.length_a   65.769
_cell.length_b   89.670
_cell.length_c   101.283
_cell.angle_alpha   90.000
_cell.angle_beta   90.000
_cell.angle_gamma   90.000
#
_symmetry.space_group_name_H-M   'I 2 2 2'
#
loop_
_entity.id
_entity.type
_entity.pdbx_description
1 polymer 'Heat shock protein HSP 90-alpha'
2 non-polymer N-METHYL-9H-PURIN-6-AMINE
3 water water
#
_entity_poly.entity_id   1
_entity_poly.type   'polypeptide(L)'
_entity_poly.pdbx_seq_one_letter_code
;HMPEETQTQDQPMEEEEVETFAFQAEIAQLMSLIINTFYSNKEIFLRELISNSSDALDKIRYESLTDPSKLDSGKELHIN
LIPNKQDRTLTIVDTGIGMTKADLINNLGTIAKSGTKAFMEALQAGADISMIGQFGVGFYSAYLVAEKVTVITKHNDDEQ
YAWESSAGGSFTVRTDTGEPMGRGTKVILHLKEDQTEYLEERRIKEIVKKHSQFIGYPITLFVEKERDKEVSDDEAE
;
_entity_poly.pdbx_strand_id   A
#
loop_
_chem_comp.id
_chem_comp.type
_chem_comp.name
_chem_comp.formula
N6M non-polymer N-METHYL-9H-PURIN-6-AMINE 'C6 H7 N5'
#
# COMPACT_ATOMS: atom_id res chain seq x y z
N GLU A 17 -10.67 20.68 -4.79
CA GLU A 17 -9.76 21.29 -3.84
C GLU A 17 -8.86 20.24 -3.18
N VAL A 18 -7.62 20.62 -2.92
CA VAL A 18 -6.60 19.72 -2.37
C VAL A 18 -6.31 20.16 -0.95
N GLU A 19 -6.38 19.24 0.00
CA GLU A 19 -6.01 19.53 1.38
C GLU A 19 -4.64 18.92 1.67
N THR A 20 -3.78 19.70 2.32
CA THR A 20 -2.44 19.24 2.66
C THR A 20 -2.32 19.10 4.17
N PHE A 21 -1.77 17.98 4.60
CA PHE A 21 -1.64 17.61 5.99
C PHE A 21 -0.20 17.31 6.32
N ALA A 22 0.20 17.58 7.58
CA ALA A 22 1.49 17.15 8.08
C ALA A 22 1.37 15.74 8.66
N PHE A 23 2.36 14.90 8.38
CA PHE A 23 2.48 13.65 9.10
C PHE A 23 2.73 13.90 10.58
N GLN A 24 2.18 13.03 11.43
CA GLN A 24 2.66 12.97 12.80
C GLN A 24 4.16 12.68 12.82
N ALA A 25 4.84 13.22 13.85
CA ALA A 25 6.31 13.18 13.83
C ALA A 25 6.83 11.74 13.76
N GLU A 26 6.20 10.82 14.49
N GLU A 26 6.17 10.81 14.46
CA GLU A 26 6.67 9.44 14.49
CA GLU A 26 6.61 9.42 14.45
C GLU A 26 6.63 8.84 13.09
C GLU A 26 6.52 8.82 13.05
N ILE A 27 5.58 9.13 12.32
N ILE A 27 5.48 9.17 12.29
CA ILE A 27 5.46 8.57 10.98
CA ILE A 27 5.35 8.64 10.94
C ILE A 27 6.47 9.21 10.04
C ILE A 27 6.43 9.22 10.04
N ALA A 28 6.73 10.51 10.20
CA ALA A 28 7.76 11.14 9.39
C ALA A 28 9.10 10.49 9.66
N GLN A 29 9.37 10.18 10.93
N GLN A 29 9.35 10.15 10.92
CA GLN A 29 10.62 9.50 11.27
CA GLN A 29 10.61 9.51 11.29
C GLN A 29 10.68 8.10 10.67
C GLN A 29 10.69 8.10 10.71
N LEU A 30 9.58 7.35 10.74
CA LEU A 30 9.54 6.01 10.15
C LEU A 30 9.85 6.09 8.65
N MET A 31 9.22 7.04 7.96
CA MET A 31 9.43 7.16 6.52
C MET A 31 10.86 7.54 6.21
N SER A 32 11.46 8.40 7.04
N SER A 32 11.43 8.50 6.94
N SER A 32 11.46 8.42 7.01
CA SER A 32 12.88 8.71 6.90
CA SER A 32 12.79 8.94 6.63
CA SER A 32 12.87 8.77 6.80
C SER A 32 13.75 7.48 7.10
C SER A 32 13.78 7.79 6.84
C SER A 32 13.77 7.56 7.02
N LEU A 33 13.44 6.68 8.12
N LEU A 33 13.56 7.00 7.87
N LEU A 33 13.47 6.75 8.04
CA LEU A 33 14.23 5.48 8.40
CA LEU A 33 14.35 5.79 8.07
CA LEU A 33 14.27 5.56 8.31
C LEU A 33 14.15 4.48 7.24
C LEU A 33 14.23 4.87 6.86
C LEU A 33 14.19 4.57 7.15
N ILE A 34 13.01 4.43 6.56
CA ILE A 34 12.82 3.47 5.48
C ILE A 34 13.53 3.95 4.23
N ILE A 35 13.48 5.25 3.97
CA ILE A 35 14.05 5.81 2.76
C ILE A 35 15.57 5.82 2.79
N ASN A 36 16.15 6.00 3.98
N ASN A 36 16.17 6.00 3.97
CA ASN A 36 17.59 6.23 4.09
CA ASN A 36 17.59 6.31 4.06
C ASN A 36 18.39 4.97 4.40
C ASN A 36 18.41 5.24 4.76
N THR A 37 17.86 4.05 5.19
N THR A 37 17.82 4.09 5.08
CA THR A 37 18.67 2.97 5.73
CA THR A 37 18.58 2.97 5.61
C THR A 37 19.01 1.94 4.65
C THR A 37 19.09 2.09 4.47
N PHE A 38 20.28 1.53 4.64
CA PHE A 38 20.76 0.55 3.67
C PHE A 38 20.10 -0.79 3.96
N TYR A 39 19.39 -1.33 2.98
CA TYR A 39 18.67 -2.59 3.18
C TYR A 39 18.37 -3.18 1.81
N SER A 40 18.98 -4.32 1.51
CA SER A 40 18.94 -4.84 0.16
C SER A 40 17.69 -5.66 -0.13
N ASN A 41 17.02 -6.19 0.89
CA ASN A 41 15.91 -7.13 0.71
C ASN A 41 14.59 -6.38 0.52
N LYS A 42 14.58 -5.53 -0.51
CA LYS A 42 13.47 -4.59 -0.72
C LYS A 42 12.19 -5.28 -1.19
N GLU A 43 12.29 -6.48 -1.72
CA GLU A 43 11.15 -7.16 -2.31
C GLU A 43 10.02 -7.36 -1.32
N ILE A 44 10.31 -7.30 -0.02
CA ILE A 44 9.27 -7.53 0.98
C ILE A 44 8.13 -6.52 0.90
N PHE A 45 8.34 -5.38 0.21
CA PHE A 45 7.25 -4.41 0.09
C PHE A 45 6.02 -5.05 -0.54
N LEU A 46 6.22 -5.96 -1.50
CA LEU A 46 5.06 -6.47 -2.22
C LEU A 46 4.29 -7.45 -1.35
N ARG A 47 5.00 -8.24 -0.52
CA ARG A 47 4.35 -9.10 0.46
C ARG A 47 3.48 -8.28 1.39
N GLU A 48 4.03 -7.16 1.89
CA GLU A 48 3.30 -6.36 2.86
C GLU A 48 2.06 -5.71 2.25
N LEU A 49 2.15 -5.23 1.00
CA LEU A 49 0.99 -4.59 0.39
C LEU A 49 -0.09 -5.62 0.03
N ILE A 50 0.31 -6.81 -0.45
CA ILE A 50 -0.66 -7.87 -0.69
C ILE A 50 -1.34 -8.29 0.61
N SER A 51 -0.58 -8.34 1.71
CA SER A 51 -1.17 -8.70 2.99
CA SER A 51 -1.17 -8.70 2.98
C SER A 51 -2.21 -7.67 3.42
N ASN A 52 -1.89 -6.38 3.25
CA ASN A 52 -2.85 -5.33 3.53
C ASN A 52 -4.12 -5.51 2.70
N SER A 53 -3.98 -5.82 1.40
CA SER A 53 -5.15 -6.03 0.56
C SER A 53 -5.97 -7.23 1.04
N SER A 54 -5.29 -8.33 1.41
CA SER A 54 -5.98 -9.50 1.93
C SER A 54 -6.80 -9.17 3.17
N ASP A 55 -6.20 -8.42 4.11
CA ASP A 55 -6.92 -7.99 5.30
C ASP A 55 -8.15 -7.14 4.97
N ALA A 56 -8.03 -6.25 3.98
CA ALA A 56 -9.17 -5.43 3.55
C ALA A 56 -10.29 -6.26 2.93
N LEU A 57 -9.92 -7.32 2.21
CA LEU A 57 -10.89 -8.23 1.64
C LEU A 57 -11.59 -9.05 2.71
N ASP A 58 -10.82 -9.48 3.72
CA ASP A 58 -11.42 -10.19 4.85
C ASP A 58 -12.48 -9.33 5.52
N LYS A 59 -12.21 -8.03 5.66
CA LYS A 59 -13.12 -7.14 6.39
C LYS A 59 -14.46 -6.99 5.66
N ILE A 60 -14.42 -6.78 4.34
CA ILE A 60 -15.69 -6.62 3.65
C ILE A 60 -16.40 -7.97 3.55
N ARG A 61 -15.66 -9.06 3.43
CA ARG A 61 -16.30 -10.36 3.48
C ARG A 61 -17.03 -10.57 4.81
N TYR A 62 -16.38 -10.26 5.93
CA TYR A 62 -17.02 -10.44 7.22
C TYR A 62 -18.28 -9.57 7.33
N GLU A 63 -18.19 -8.30 6.94
CA GLU A 63 -19.37 -7.44 7.04
C GLU A 63 -20.50 -7.98 6.18
N SER A 64 -20.20 -8.57 5.03
CA SER A 64 -21.25 -9.04 4.14
C SER A 64 -21.97 -10.27 4.69
N LEU A 65 -21.44 -10.89 5.74
CA LEU A 65 -22.07 -12.09 6.26
C LEU A 65 -23.41 -11.78 6.92
N THR A 66 -23.54 -10.60 7.52
CA THR A 66 -24.80 -10.18 8.16
C THR A 66 -25.49 -9.06 7.39
N ASP A 67 -24.90 -8.55 6.33
CA ASP A 67 -25.54 -7.52 5.49
C ASP A 67 -25.04 -7.69 4.07
N PRO A 68 -25.67 -8.58 3.31
CA PRO A 68 -25.20 -8.85 1.94
C PRO A 68 -25.24 -7.63 1.04
N SER A 69 -26.00 -6.60 1.38
CA SER A 69 -26.04 -5.40 0.56
C SER A 69 -24.70 -4.67 0.57
N LYS A 70 -23.81 -5.01 1.49
CA LYS A 70 -22.46 -4.42 1.45
C LYS A 70 -21.74 -4.72 0.15
N LEU A 71 -22.12 -5.81 -0.54
CA LEU A 71 -21.47 -6.20 -1.77
C LEU A 71 -22.22 -5.67 -3.00
N ASP A 72 -23.19 -4.78 -2.82
CA ASP A 72 -23.84 -4.16 -3.96
C ASP A 72 -22.86 -3.36 -4.81
N SER A 73 -21.77 -2.89 -4.19
CA SER A 73 -20.74 -2.12 -4.87
C SER A 73 -19.72 -3.00 -5.57
N GLY A 74 -19.93 -4.32 -5.57
CA GLY A 74 -19.00 -5.25 -6.20
C GLY A 74 -18.91 -6.56 -5.46
N LYS A 75 -19.28 -7.67 -6.10
CA LYS A 75 -19.27 -8.96 -5.44
C LYS A 75 -17.94 -9.69 -5.56
N GLU A 76 -17.08 -9.31 -6.49
N GLU A 76 -17.12 -9.30 -6.53
CA GLU A 76 -15.85 -10.07 -6.77
CA GLU A 76 -15.83 -9.96 -6.75
C GLU A 76 -14.73 -9.57 -5.87
C GLU A 76 -14.84 -9.53 -5.69
N LEU A 77 -14.16 -10.49 -5.09
CA LEU A 77 -13.13 -10.21 -4.10
C LEU A 77 -11.79 -10.71 -4.62
N HIS A 78 -10.93 -9.78 -5.03
CA HIS A 78 -9.70 -10.20 -5.71
C HIS A 78 -8.65 -9.11 -5.57
N ILE A 79 -7.44 -9.47 -5.99
CA ILE A 79 -6.28 -8.59 -5.98
C ILE A 79 -5.68 -8.57 -7.40
N ASN A 80 -5.47 -7.39 -7.97
CA ASN A 80 -4.84 -7.27 -9.29
C ASN A 80 -3.50 -6.54 -9.15
N LEU A 81 -2.48 -7.04 -9.84
CA LEU A 81 -1.18 -6.39 -9.93
C LEU A 81 -0.99 -5.87 -11.35
N ILE A 82 -0.73 -4.58 -11.48
CA ILE A 82 -0.68 -3.97 -12.82
C ILE A 82 0.63 -3.23 -13.01
N PRO A 83 1.59 -3.80 -13.72
CA PRO A 83 2.80 -3.05 -14.04
C PRO A 83 2.58 -2.16 -15.26
N ASN A 84 3.30 -1.04 -15.26
CA ASN A 84 3.27 -0.11 -16.40
C ASN A 84 4.67 0.46 -16.60
N LYS A 85 5.41 -0.13 -17.54
CA LYS A 85 6.78 0.31 -17.78
C LYS A 85 6.85 1.72 -18.37
N GLN A 86 5.81 2.16 -19.07
CA GLN A 86 5.82 3.49 -19.66
C GLN A 86 5.77 4.57 -18.59
N ASP A 87 4.91 4.41 -17.58
N ASP A 87 4.91 4.40 -17.59
CA ASP A 87 4.82 5.35 -16.48
CA ASP A 87 4.80 5.34 -16.49
C ASP A 87 5.74 5.01 -15.33
C ASP A 87 5.71 4.99 -15.31
N ARG A 88 6.38 3.85 -15.36
CA ARG A 88 7.24 3.38 -14.26
C ARG A 88 6.43 3.26 -12.97
N THR A 89 5.26 2.63 -13.08
CA THR A 89 4.37 2.43 -11.94
C THR A 89 4.01 0.95 -11.80
N LEU A 90 3.85 0.54 -10.54
CA LEU A 90 3.28 -0.76 -10.17
C LEU A 90 2.05 -0.47 -9.33
N THR A 91 0.89 -0.93 -9.79
CA THR A 91 -0.38 -0.67 -9.13
C THR A 91 -0.92 -1.94 -8.52
N ILE A 92 -1.30 -1.88 -7.24
CA ILE A 92 -1.92 -2.99 -6.53
C ILE A 92 -3.37 -2.61 -6.26
N VAL A 93 -4.32 -3.35 -6.83
CA VAL A 93 -5.74 -3.09 -6.67
C VAL A 93 -6.39 -4.20 -5.87
N ASP A 94 -7.23 -3.82 -4.91
CA ASP A 94 -8.12 -4.79 -4.26
C ASP A 94 -9.54 -4.23 -4.24
N THR A 95 -10.49 -5.16 -4.13
CA THR A 95 -11.91 -4.84 -3.98
C THR A 95 -12.37 -5.02 -2.55
N GLY A 96 -11.50 -4.66 -1.61
CA GLY A 96 -11.81 -4.78 -0.21
C GLY A 96 -12.67 -3.65 0.31
N ILE A 97 -12.57 -3.45 1.62
CA ILE A 97 -13.50 -2.58 2.33
CA ILE A 97 -13.51 -2.58 2.33
C ILE A 97 -13.30 -1.11 1.97
N GLY A 98 -12.11 -0.73 1.55
CA GLY A 98 -11.85 0.66 1.22
C GLY A 98 -11.67 1.49 2.48
N MET A 99 -11.41 2.80 2.31
CA MET A 99 -11.11 3.69 3.42
C MET A 99 -11.98 4.93 3.28
N THR A 100 -12.54 5.39 4.38
CA THR A 100 -13.19 6.69 4.44
C THR A 100 -12.13 7.80 4.49
N LYS A 101 -12.57 9.04 4.31
CA LYS A 101 -11.64 10.15 4.43
C LYS A 101 -10.98 10.15 5.79
N ALA A 102 -11.75 9.87 6.83
CA ALA A 102 -11.20 9.84 8.19
C ALA A 102 -10.12 8.77 8.31
N ASP A 103 -10.36 7.59 7.72
CA ASP A 103 -9.36 6.53 7.72
C ASP A 103 -8.07 6.98 7.04
N LEU A 104 -8.20 7.63 5.88
CA LEU A 104 -7.02 8.09 5.14
C LEU A 104 -6.18 9.01 5.99
N ILE A 105 -6.83 10.01 6.60
CA ILE A 105 -6.12 11.00 7.40
C ILE A 105 -5.46 10.34 8.60
N ASN A 106 -6.15 9.38 9.22
CA ASN A 106 -5.63 8.62 10.35
CA ASN A 106 -5.64 8.63 10.35
C ASN A 106 -4.71 7.51 9.89
N ASN A 107 -3.71 7.85 9.08
CA ASN A 107 -2.64 6.95 8.67
C ASN A 107 -3.18 5.70 7.99
N LEU A 108 -4.11 5.90 7.07
CA LEU A 108 -4.61 4.83 6.21
C LEU A 108 -5.15 3.67 7.03
N GLY A 109 -5.89 4.00 8.09
CA GLY A 109 -6.55 3.01 8.90
C GLY A 109 -5.67 2.14 9.77
N THR A 110 -4.49 2.63 10.12
CA THR A 110 -3.53 1.90 10.94
C THR A 110 -3.35 2.62 12.27
N ILE A 111 -2.76 1.91 13.23
CA ILE A 111 -2.36 2.51 14.50
C ILE A 111 -0.88 2.88 14.39
N ALA A 112 -0.56 3.73 13.44
CA ALA A 112 0.83 3.89 13.03
C ALA A 112 1.69 4.57 14.09
N LYS A 113 1.11 5.45 14.92
CA LYS A 113 1.91 6.07 15.97
C LYS A 113 2.45 5.04 16.94
N SER A 114 1.56 4.21 17.49
CA SER A 114 1.99 3.20 18.45
C SER A 114 2.76 2.08 17.75
N GLY A 115 2.37 1.73 16.52
CA GLY A 115 3.07 0.68 15.82
C GLY A 115 4.48 1.10 15.47
N THR A 116 4.67 2.36 15.10
CA THR A 116 6.01 2.85 14.81
C THR A 116 6.90 2.79 16.05
N LYS A 117 6.36 3.17 17.21
CA LYS A 117 7.14 3.10 18.44
C LYS A 117 7.60 1.67 18.72
N ALA A 118 6.67 0.72 18.65
CA ALA A 118 7.03 -0.67 18.91
C ALA A 118 8.06 -1.18 17.90
N PHE A 119 7.90 -0.79 16.62
CA PHE A 119 8.83 -1.24 15.59
C PHE A 119 10.24 -0.70 15.83
N MET A 120 10.35 0.59 16.14
CA MET A 120 11.68 1.16 16.31
CA MET A 120 11.66 1.20 16.33
C MET A 120 12.40 0.57 17.51
N GLU A 121 11.67 0.18 18.55
CA GLU A 121 12.29 -0.48 19.70
C GLU A 121 12.67 -1.92 19.36
N ALA A 122 11.84 -2.61 18.59
CA ALA A 122 12.21 -3.95 18.15
C ALA A 122 13.47 -3.92 17.30
N LEU A 123 13.66 -2.86 16.52
CA LEU A 123 14.85 -2.77 15.67
C LEU A 123 16.12 -2.74 16.53
N GLN A 124 16.10 -1.97 17.62
N GLN A 124 16.09 -2.00 17.63
CA GLN A 124 17.25 -1.94 18.51
CA GLN A 124 17.27 -1.95 18.50
C GLN A 124 17.47 -3.28 19.20
C GLN A 124 17.46 -3.26 19.24
N ALA A 125 16.39 -4.01 19.48
CA ALA A 125 16.47 -5.31 20.15
C ALA A 125 16.68 -6.47 19.18
N GLY A 126 17.26 -6.22 18.00
CA GLY A 126 17.62 -7.29 17.10
C GLY A 126 16.55 -7.69 16.10
N ALA A 127 15.67 -6.78 15.73
CA ALA A 127 14.75 -7.01 14.62
C ALA A 127 15.28 -6.31 13.37
N ASP A 128 14.83 -6.76 12.21
CA ASP A 128 15.19 -6.12 10.95
C ASP A 128 13.93 -5.62 10.24
N ILE A 129 14.15 -4.86 9.17
CA ILE A 129 13.08 -4.14 8.50
C ILE A 129 12.03 -5.08 7.96
N SER A 130 12.36 -6.35 7.71
CA SER A 130 11.38 -7.25 7.13
C SER A 130 10.26 -7.61 8.10
N MET A 131 10.40 -7.31 9.39
CA MET A 131 9.34 -7.57 10.36
C MET A 131 8.37 -6.40 10.51
N ILE A 132 8.46 -5.40 9.63
CA ILE A 132 7.63 -4.20 9.73
C ILE A 132 6.15 -4.52 9.83
N GLY A 133 5.70 -5.56 9.11
CA GLY A 133 4.28 -5.85 9.06
C GLY A 133 3.70 -6.34 10.38
N GLN A 134 4.54 -6.90 11.24
CA GLN A 134 4.08 -7.36 12.55
C GLN A 134 3.69 -6.22 13.45
N PHE A 135 4.09 -5.00 13.14
CA PHE A 135 3.77 -3.82 13.94
C PHE A 135 2.70 -2.94 13.31
N GLY A 136 2.07 -3.43 12.25
CA GLY A 136 0.91 -2.76 11.70
C GLY A 136 1.19 -1.59 10.78
N VAL A 137 2.45 -1.39 10.38
CA VAL A 137 2.83 -0.24 9.56
C VAL A 137 3.48 -0.73 8.25
N GLY A 138 3.09 -1.92 7.80
CA GLY A 138 3.69 -2.48 6.59
C GLY A 138 3.49 -1.64 5.33
N PHE A 139 2.40 -0.87 5.28
CA PHE A 139 2.18 0.02 4.14
C PHE A 139 3.43 0.85 3.81
N TYR A 140 4.08 1.40 4.84
CA TYR A 140 5.17 2.33 4.58
C TYR A 140 6.40 1.67 3.94
N SER A 141 6.47 0.34 3.92
CA SER A 141 7.54 -0.33 3.18
C SER A 141 7.49 0.00 1.69
N ALA A 142 6.36 0.54 1.20
CA ALA A 142 6.29 1.00 -0.18
C ALA A 142 7.45 1.92 -0.52
N TYR A 143 7.91 2.71 0.48
CA TYR A 143 8.95 3.69 0.21
C TYR A 143 10.35 3.09 0.14
N LEU A 144 10.50 1.78 0.36
CA LEU A 144 11.74 1.12 -0.03
C LEU A 144 11.99 1.23 -1.54
N VAL A 145 10.94 1.28 -2.36
N VAL A 145 10.94 1.17 -2.36
CA VAL A 145 11.09 1.20 -3.81
CA VAL A 145 11.08 1.10 -3.81
C VAL A 145 10.41 2.33 -4.55
C VAL A 145 10.51 2.34 -4.49
N ALA A 146 9.65 3.21 -3.85
N ALA A 146 9.41 2.88 -3.97
CA ALA A 146 8.84 4.23 -4.51
CA ALA A 146 8.74 4.01 -4.58
C ALA A 146 9.27 5.62 -4.10
C ALA A 146 9.19 5.31 -3.92
N GLU A 147 9.35 6.52 -5.09
N GLU A 147 9.30 6.36 -4.73
CA GLU A 147 9.59 7.93 -4.81
CA GLU A 147 9.52 7.70 -4.20
C GLU A 147 8.31 8.68 -4.44
C GLU A 147 8.24 8.49 -4.04
N LYS A 148 7.16 8.11 -4.73
CA LYS A 148 5.85 8.70 -4.51
C LYS A 148 4.85 7.56 -4.49
N VAL A 149 3.81 7.69 -3.68
CA VAL A 149 2.75 6.71 -3.61
C VAL A 149 1.44 7.47 -3.68
N THR A 150 0.53 6.98 -4.52
CA THR A 150 -0.82 7.52 -4.70
C THR A 150 -1.78 6.41 -4.30
N VAL A 151 -2.73 6.70 -3.43
CA VAL A 151 -3.73 5.74 -2.99
C VAL A 151 -5.09 6.29 -3.41
N ILE A 152 -5.84 5.52 -4.22
CA ILE A 152 -7.21 5.83 -4.59
C ILE A 152 -8.10 4.84 -3.87
N THR A 153 -9.11 5.31 -3.16
CA THR A 153 -9.92 4.41 -2.35
C THR A 153 -11.38 4.84 -2.35
N LYS A 154 -12.26 3.84 -2.21
N LYS A 154 -12.25 3.84 -2.13
CA LYS A 154 -13.70 4.04 -2.12
CA LYS A 154 -13.69 3.99 -2.14
C LYS A 154 -14.26 3.07 -1.09
C LYS A 154 -14.30 3.06 -1.10
N HIS A 155 -14.85 3.63 -0.04
CA HIS A 155 -15.59 2.91 1.00
C HIS A 155 -17.10 3.09 0.73
N ASN A 156 -17.87 2.03 0.96
N ASN A 156 -17.90 2.12 1.17
CA ASN A 156 -19.29 2.06 0.57
CA ASN A 156 -19.35 2.26 1.04
C ASN A 156 -20.00 3.29 1.13
C ASN A 156 -19.88 3.52 1.71
N ASP A 157 -19.50 3.85 2.24
N ASP A 157 -19.26 3.97 2.80
CA ASP A 157 -20.19 4.90 2.97
CA ASP A 157 -19.78 5.07 3.61
C ASP A 157 -19.63 6.29 2.71
C ASP A 157 -19.22 6.44 3.21
N ASP A 158 -18.63 6.43 1.85
N ASP A 158 -18.55 6.55 2.06
CA ASP A 158 -18.00 7.73 1.62
CA ASP A 158 -17.89 7.80 1.72
C ASP A 158 -17.67 7.86 0.14
C ASP A 158 -17.68 7.87 0.21
N GLU A 159 -17.08 8.99 -0.22
CA GLU A 159 -16.78 9.27 -1.62
C GLU A 159 -15.42 8.72 -2.00
N GLN A 160 -15.09 8.82 -3.28
CA GLN A 160 -13.80 8.33 -3.77
C GLN A 160 -12.74 9.39 -3.55
N TYR A 161 -11.64 9.03 -2.90
CA TYR A 161 -10.58 9.97 -2.56
C TYR A 161 -9.24 9.50 -3.11
N ALA A 162 -8.34 10.46 -3.33
CA ALA A 162 -6.95 10.19 -3.67
C ALA A 162 -6.08 10.77 -2.58
N TRP A 163 -5.21 9.94 -2.02
CA TRP A 163 -4.14 10.31 -1.07
C TRP A 163 -2.81 10.23 -1.79
N GLU A 164 -1.91 11.16 -1.50
CA GLU A 164 -0.63 11.15 -2.15
C GLU A 164 0.45 11.69 -1.22
N SER A 165 1.64 11.09 -1.30
N SER A 165 1.63 11.06 -1.28
CA SER A 165 2.77 11.62 -0.55
CA SER A 165 2.79 11.60 -0.59
C SER A 165 4.07 11.15 -1.19
C SER A 165 4.07 11.20 -1.29
N SER A 166 5.00 12.09 -1.40
N SER A 166 5.00 12.16 -1.35
CA SER A 166 6.37 11.78 -1.75
CA SER A 166 6.38 11.87 -1.75
C SER A 166 7.29 11.88 -0.54
C SER A 166 7.31 11.84 -0.53
N ALA A 167 6.76 11.64 0.66
CA ALA A 167 7.54 11.71 1.89
C ALA A 167 7.83 13.19 2.11
N GLY A 168 8.92 13.53 2.74
CA GLY A 168 9.14 14.94 2.96
C GLY A 168 8.16 15.63 3.88
N GLY A 169 7.35 14.88 4.63
CA GLY A 169 6.69 15.42 5.80
C GLY A 169 5.24 15.75 5.64
N SER A 170 4.68 15.62 4.43
CA SER A 170 3.29 15.94 4.19
C SER A 170 2.62 14.94 3.26
N PHE A 171 1.28 14.96 3.31
CA PHE A 171 0.47 14.21 2.39
C PHE A 171 -0.73 15.06 1.99
N THR A 172 -1.31 14.75 0.83
CA THR A 172 -2.47 15.48 0.33
C THR A 172 -3.64 14.51 0.20
N VAL A 173 -4.84 15.06 0.36
CA VAL A 173 -6.08 14.34 0.14
C VAL A 173 -6.96 15.19 -0.74
N ARG A 174 -7.55 14.58 -1.78
CA ARG A 174 -8.49 15.29 -2.65
C ARG A 174 -9.59 14.35 -3.09
N THR A 175 -10.71 14.93 -3.50
N THR A 175 -10.69 14.93 -3.56
CA THR A 175 -11.76 14.13 -4.13
CA THR A 175 -11.77 14.14 -4.15
C THR A 175 -11.27 13.67 -5.50
C THR A 175 -11.38 13.69 -5.54
N ASP A 176 -11.39 12.39 -5.77
CA ASP A 176 -10.87 11.81 -7.00
C ASP A 176 -11.94 11.92 -8.08
N THR A 177 -11.54 12.42 -9.24
CA THR A 177 -12.42 12.56 -10.37
C THR A 177 -12.12 11.55 -11.48
N GLY A 178 -11.19 10.64 -11.25
CA GLY A 178 -10.89 9.62 -12.24
C GLY A 178 -12.01 8.61 -12.36
N GLU A 179 -11.68 7.49 -12.99
CA GLU A 179 -12.66 6.44 -13.21
C GLU A 179 -13.21 5.98 -11.85
N PRO A 180 -14.52 5.81 -11.71
CA PRO A 180 -15.07 5.25 -10.47
C PRO A 180 -14.58 3.83 -10.27
N MET A 181 -14.41 3.45 -9.00
CA MET A 181 -13.92 2.12 -8.68
C MET A 181 -14.97 1.16 -8.18
N GLY A 182 -16.09 1.65 -7.65
CA GLY A 182 -17.06 0.75 -7.04
C GLY A 182 -16.85 0.62 -5.54
N ARG A 183 -15.77 -0.06 -5.17
CA ARG A 183 -15.36 -0.27 -3.79
C ARG A 183 -13.96 -0.84 -3.80
N GLY A 184 -13.10 -0.32 -2.92
CA GLY A 184 -11.80 -0.90 -2.73
C GLY A 184 -10.69 0.14 -2.73
N THR A 185 -9.47 -0.33 -3.00
CA THR A 185 -8.29 0.51 -2.88
C THR A 185 -7.30 0.19 -4.01
N LYS A 186 -6.74 1.24 -4.58
CA LYS A 186 -5.69 1.14 -5.59
C LYS A 186 -4.46 1.84 -5.06
N VAL A 187 -3.37 1.10 -4.87
CA VAL A 187 -2.09 1.66 -4.42
C VAL A 187 -1.18 1.74 -5.62
N ILE A 188 -0.78 2.95 -5.99
CA ILE A 188 0.04 3.22 -7.17
C ILE A 188 1.44 3.62 -6.70
N LEU A 189 2.42 2.78 -7.02
CA LEU A 189 3.80 3.00 -6.63
C LEU A 189 4.52 3.62 -7.82
N HIS A 190 4.99 4.85 -7.65
CA HIS A 190 5.85 5.49 -8.64
C HIS A 190 7.28 5.08 -8.32
N LEU A 191 7.82 4.14 -9.08
CA LEU A 191 9.06 3.47 -8.69
C LEU A 191 10.27 4.37 -8.91
N LYS A 192 11.24 4.25 -8.02
CA LYS A 192 12.54 4.86 -8.22
C LYS A 192 13.21 4.31 -9.48
N GLU A 193 14.12 5.10 -10.07
N GLU A 193 14.12 5.11 -10.06
CA GLU A 193 14.71 4.72 -11.34
CA GLU A 193 14.76 4.75 -11.32
C GLU A 193 15.52 3.42 -11.24
C GLU A 193 15.49 3.42 -11.23
N ASP A 194 16.10 3.13 -10.08
CA ASP A 194 16.90 1.93 -9.92
C ASP A 194 16.11 0.75 -9.37
N GLN A 195 14.78 0.83 -9.34
CA GLN A 195 13.95 -0.26 -8.82
C GLN A 195 12.98 -0.79 -9.86
N THR A 196 13.36 -0.71 -11.14
CA THR A 196 12.45 -1.13 -12.21
C THR A 196 12.37 -2.64 -12.37
N GLU A 197 13.19 -3.42 -11.65
CA GLU A 197 13.04 -4.88 -11.71
C GLU A 197 11.65 -5.33 -11.28
N TYR A 198 10.95 -4.54 -10.46
N TYR A 198 10.95 -4.55 -10.45
CA TYR A 198 9.61 -4.86 -9.99
CA TYR A 198 9.65 -4.97 -9.93
C TYR A 198 8.53 -4.52 -11.00
C TYR A 198 8.53 -4.81 -10.94
N LEU A 199 8.91 -4.15 -12.22
N LEU A 199 8.82 -4.25 -12.11
CA LEU A 199 7.99 -4.09 -13.34
CA LEU A 199 7.86 -4.22 -13.21
C LEU A 199 8.06 -5.33 -14.22
C LEU A 199 7.93 -5.45 -14.10
N GLU A 200 8.97 -6.27 -13.93
CA GLU A 200 9.18 -7.43 -14.80
C GLU A 200 8.32 -8.60 -14.36
N GLU A 201 7.63 -9.22 -15.32
N GLU A 201 7.63 -9.22 -15.32
N GLU A 201 7.57 -9.19 -15.30
CA GLU A 201 6.75 -10.35 -15.02
CA GLU A 201 6.74 -10.33 -15.04
CA GLU A 201 6.61 -10.23 -14.94
C GLU A 201 7.48 -11.42 -14.21
C GLU A 201 7.42 -11.39 -14.18
C GLU A 201 7.30 -11.40 -14.24
N ARG A 202 8.66 -11.84 -14.67
N ARG A 202 8.59 -11.86 -14.61
N ARG A 202 8.53 -11.73 -14.67
CA ARG A 202 9.34 -12.94 -14.01
CA ARG A 202 9.21 -12.98 -13.93
CA ARG A 202 9.24 -12.84 -14.04
C ARG A 202 9.69 -12.60 -12.56
C ARG A 202 9.66 -12.61 -12.52
C ARG A 202 9.54 -12.55 -12.57
N ARG A 203 10.00 -11.33 -12.29
CA ARG A 203 10.36 -10.94 -10.93
C ARG A 203 9.14 -10.88 -10.03
N ILE A 204 8.03 -10.32 -10.54
CA ILE A 204 6.81 -10.27 -9.72
C ILE A 204 6.33 -11.69 -9.38
N LYS A 205 6.31 -12.59 -10.36
N LYS A 205 6.29 -12.58 -10.37
CA LYS A 205 5.85 -13.95 -10.11
CA LYS A 205 5.86 -13.95 -10.10
C LYS A 205 6.75 -14.67 -9.12
C LYS A 205 6.73 -14.60 -9.05
N GLU A 206 8.06 -14.38 -9.13
CA GLU A 206 8.96 -14.98 -8.16
C GLU A 206 8.62 -14.53 -6.76
N ILE A 207 8.35 -13.24 -6.59
CA ILE A 207 8.05 -12.71 -5.27
C ILE A 207 6.72 -13.24 -4.75
N VAL A 208 5.69 -13.27 -5.60
CA VAL A 208 4.38 -13.75 -5.18
C VAL A 208 4.46 -15.21 -4.77
N LYS A 209 5.14 -16.03 -5.57
CA LYS A 209 5.27 -17.45 -5.21
C LYS A 209 6.08 -17.64 -3.92
N LYS A 210 7.08 -16.80 -3.68
CA LYS A 210 7.91 -16.95 -2.49
C LYS A 210 7.18 -16.53 -1.22
N HIS A 211 6.43 -15.43 -1.27
CA HIS A 211 5.95 -14.76 -0.09
C HIS A 211 4.43 -14.79 0.12
N SER A 212 3.63 -15.00 -0.95
CA SER A 212 2.19 -14.79 -0.90
C SER A 212 1.44 -16.01 -1.43
N GLN A 213 2.06 -17.16 -1.35
CA GLN A 213 1.53 -18.38 -1.95
C GLN A 213 0.18 -18.79 -1.38
N PHE A 214 -0.08 -18.52 -0.10
CA PHE A 214 -1.29 -19.02 0.55
C PHE A 214 -2.32 -17.93 0.82
N ILE A 215 -2.23 -16.80 0.13
CA ILE A 215 -3.27 -15.78 0.22
C ILE A 215 -4.57 -16.36 -0.32
N GLY A 216 -5.66 -16.09 0.37
CA GLY A 216 -6.92 -16.76 0.08
C GLY A 216 -7.84 -16.05 -0.88
N TYR A 217 -7.27 -15.23 -1.77
N TYR A 217 -7.29 -15.19 -1.73
CA TYR A 217 -8.00 -14.48 -2.79
CA TYR A 217 -8.02 -14.53 -2.79
C TYR A 217 -7.20 -14.56 -4.08
C TYR A 217 -7.22 -14.67 -4.08
N PRO A 218 -7.87 -14.57 -5.22
CA PRO A 218 -7.13 -14.67 -6.49
C PRO A 218 -6.26 -13.44 -6.70
N ILE A 219 -5.03 -13.66 -7.14
CA ILE A 219 -4.10 -12.60 -7.51
C ILE A 219 -3.86 -12.72 -9.00
N THR A 220 -4.24 -11.69 -9.75
CA THR A 220 -4.04 -11.65 -11.20
C THR A 220 -2.92 -10.67 -11.52
N LEU A 221 -1.92 -11.13 -12.25
CA LEU A 221 -0.84 -10.28 -12.72
C LEU A 221 -1.16 -9.91 -14.17
N PHE A 222 -1.46 -8.64 -14.39
N PHE A 222 -1.42 -8.62 -14.41
CA PHE A 222 -1.71 -8.17 -15.75
CA PHE A 222 -1.73 -8.14 -15.73
C PHE A 222 -0.46 -8.34 -16.59
C PHE A 222 -0.46 -8.07 -16.60
N VAL A 223 -0.66 -8.27 -17.89
CA VAL A 223 0.43 -8.22 -18.88
C VAL A 223 0.43 -6.85 -19.53
N GLU A 224 1.57 -6.45 -20.07
CA GLU A 224 1.67 -5.18 -20.77
C GLU A 224 1.68 -5.36 -22.29
N LYS A 225 1.21 -4.32 -22.98
CA LYS A 225 1.35 -4.20 -24.43
C LYS A 225 2.77 -3.74 -24.77
C6 N6M B . -5.72 -0.08 3.71
C5 N6M B . -5.44 -0.83 2.59
C4 N6M B . -6.49 -1.37 1.89
C2 N6M B . -7.98 -0.55 3.48
C8 N6M B . -4.66 -1.83 0.80
C11 N6M B . -3.33 0.62 4.10
N6 N6M B . -4.73 0.53 4.53
N1 N6M B . -6.96 0.00 4.17
N3 N6M B . -7.75 -1.25 2.36
N9 N6M B . -6.00 -1.99 0.78
N7 N6M B . -4.30 -1.12 1.89
H9 N6M B . -6.47 -2.39 0.18
H8 N6M B . -4.07 -2.17 0.16
H6 N6M B . -4.96 0.87 5.29
H111 N6M B . -2.82 1.11 4.75
H112 N6M B . -3.28 1.07 3.24
H113 N6M B . -2.96 -0.28 4.01
H2 N6M B . -8.85 -0.43 3.78
#